data_3BK7
#
_entry.id   3BK7
#
_cell.length_a   63.200
_cell.length_b   63.200
_cell.length_c   319.380
_cell.angle_alpha   90.000
_cell.angle_beta   90.000
_cell.angle_gamma   90.000
#
_symmetry.space_group_name_H-M   'P 43 21 2'
#
loop_
_entity.id
_entity.type
_entity.pdbx_description
1 polymer 'ABC transporter ATP-binding protein'
2 non-polymer 'MAGNESIUM ION'
3 non-polymer 'IRON/SULFUR CLUSTER'
4 non-polymer "ADENOSINE-5'-DIPHOSPHATE"
5 water water
#
_entity_poly.entity_id   1
_entity_poly.type   'polypeptide(L)'
_entity_poly.pdbx_seq_one_letter_code
;MASWSHPQFEKGAHMVRKMRIAVIDYDKCNPDKCGHFLCERVCPVNRMGGEAIIIDEENYKPIIQEASCTGCGICVHKCP
FNAISIVNLPEQLDEDCVHRYGVNAFVLYRLPIVKDGMVVGIVGPNGTGKTTAVKILAGQLIPNLCEDNDSWDNVIRAFR
GNELQNYFERLKNGEIRPVVKPQYVDLLPKAVKGKVRELLKKVDEVGKFEEVVKELELENVLDRELHQLSGGELQRVAIA
AALLRKAHFYFFDEPSSYLDIRQRLKVARVIRRLANEGKAVLVVEHDLAVLDYLSDVIHVVYGEPGVYGIFSKPKGTRNG
INEFLQGYLKDENVRFRPYEIRFTKLSERVDVERETLVEYPRLVKDYGSFKLEVEPGEIRKGEVIGIVGPNGIGKTTFVK
MLAGVEEPTEGKVEWDLTVAYKPQYIKAEYEGTVYELLSKIDSSKLNSNFYKTELLKPLGIIDLYDRNVEDLSGGELQRV
AIAATLLRDADIYLLDEPSAYLDVEQRLAVSRAIRHLMEKNEKTALVVEHDVLMIDYVSDRLIVFEGEPGRHGRALPPMG
MREGMNRFLASVGITFRRDPDSGRPRANKEGSVKDREQKARGEYYYA
;
_entity_poly.pdbx_strand_id   A
#
# COMPACT_ATOMS: atom_id res chain seq x y z
N MET A 15 -34.49 -6.75 -13.14
CA MET A 15 -34.25 -5.32 -12.80
C MET A 15 -33.06 -4.73 -13.56
N VAL A 16 -33.02 -3.39 -13.62
CA VAL A 16 -31.96 -2.67 -14.29
C VAL A 16 -31.89 -1.25 -13.74
N ARG A 17 -30.93 -0.46 -14.24
CA ARG A 17 -30.74 0.91 -13.79
C ARG A 17 -29.27 1.16 -14.10
N LYS A 18 -28.93 2.31 -14.66
CA LYS A 18 -27.54 2.52 -14.98
C LYS A 18 -27.16 3.93 -15.41
N MET A 19 -26.09 4.46 -14.81
CA MET A 19 -25.58 5.77 -15.18
C MET A 19 -24.23 5.56 -15.83
N ARG A 20 -23.86 6.49 -16.69
CA ARG A 20 -22.57 6.42 -17.34
C ARG A 20 -21.75 7.50 -16.64
N ILE A 21 -20.46 7.24 -16.44
CA ILE A 21 -19.59 8.20 -15.78
C ILE A 21 -18.33 8.27 -16.58
N ALA A 22 -17.99 9.48 -17.01
CA ALA A 22 -16.79 9.68 -17.79
C ALA A 22 -15.76 10.55 -17.09
N VAL A 23 -14.53 10.05 -17.03
CA VAL A 23 -13.45 10.81 -16.46
C VAL A 23 -12.36 10.80 -17.49
N ILE A 24 -11.77 11.96 -17.74
CA ILE A 24 -10.67 12.09 -18.70
C ILE A 24 -9.47 12.63 -17.96
N ASP A 25 -8.40 11.87 -17.84
CA ASP A 25 -7.21 12.41 -17.17
C ASP A 25 -6.60 13.37 -18.18
N TYR A 26 -6.97 14.64 -18.07
CA TYR A 26 -6.48 15.65 -18.99
C TYR A 26 -4.97 15.77 -18.99
N ASP A 27 -4.34 15.53 -17.84
CA ASP A 27 -2.90 15.62 -17.75
C ASP A 27 -2.24 14.65 -18.75
N LYS A 28 -3.06 13.83 -19.40
CA LYS A 28 -2.59 12.85 -20.39
C LYS A 28 -3.10 13.11 -21.81
N CYS A 29 -4.05 14.03 -21.94
CA CYS A 29 -4.62 14.35 -23.24
C CYS A 29 -3.80 15.40 -23.99
N ASN A 30 -3.74 15.25 -25.30
CA ASN A 30 -3.03 16.19 -26.15
C ASN A 30 -3.65 16.13 -27.55
N PRO A 31 -4.72 16.91 -27.76
CA PRO A 31 -5.48 17.00 -29.03
C PRO A 31 -4.66 17.11 -30.32
N ASP A 32 -3.50 17.76 -30.25
CA ASP A 32 -2.66 17.95 -31.43
C ASP A 32 -1.89 16.69 -31.86
N LYS A 33 -1.70 15.78 -30.92
CA LYS A 33 -0.95 14.57 -31.22
C LYS A 33 -1.82 13.44 -31.82
N CYS A 34 -3.09 13.39 -31.42
CA CYS A 34 -4.00 12.35 -31.90
C CYS A 34 -4.81 12.79 -33.11
N GLY A 35 -4.34 13.81 -33.79
CA GLY A 35 -5.07 14.32 -34.94
C GLY A 35 -5.84 15.51 -34.40
N HIS A 36 -7.14 15.57 -34.66
CA HIS A 36 -7.93 16.68 -34.13
C HIS A 36 -9.00 16.04 -33.26
N PHE A 37 -8.70 15.94 -31.97
CA PHE A 37 -9.60 15.34 -31.02
C PHE A 37 -10.15 14.06 -31.61
N LEU A 38 -9.32 13.02 -31.60
CA LEU A 38 -9.69 11.73 -32.15
C LEU A 38 -11.08 11.30 -31.67
N CYS A 39 -11.47 11.84 -30.51
CA CYS A 39 -12.76 11.55 -29.89
C CYS A 39 -14.00 11.81 -30.75
N GLU A 40 -14.34 13.09 -30.87
CA GLU A 40 -15.51 13.51 -31.64
C GLU A 40 -15.56 12.86 -33.01
N ARG A 41 -14.38 12.51 -33.53
CA ARG A 41 -14.24 11.88 -34.83
C ARG A 41 -14.68 10.42 -34.76
N VAL A 42 -14.02 9.65 -33.90
CA VAL A 42 -14.30 8.23 -33.73
C VAL A 42 -15.64 7.97 -33.01
N CYS A 43 -16.14 8.97 -32.29
CA CYS A 43 -17.39 8.85 -31.54
C CYS A 43 -18.67 8.57 -32.36
N PRO A 44 -19.25 7.36 -32.21
CA PRO A 44 -20.46 6.98 -32.94
C PRO A 44 -21.63 7.96 -32.80
N VAL A 45 -21.91 8.39 -31.57
CA VAL A 45 -22.99 9.33 -31.31
C VAL A 45 -22.79 10.65 -32.07
N ASN A 46 -21.56 11.16 -32.07
CA ASN A 46 -21.25 12.39 -32.80
C ASN A 46 -21.35 12.09 -34.29
N ARG A 47 -21.08 10.84 -34.64
CA ARG A 47 -21.14 10.34 -35.99
C ARG A 47 -22.55 10.46 -36.58
N MET A 48 -23.55 10.39 -35.71
CA MET A 48 -24.94 10.51 -36.12
C MET A 48 -25.55 11.81 -35.59
N GLY A 49 -24.79 12.89 -35.70
CA GLY A 49 -25.24 14.19 -35.24
C GLY A 49 -25.64 14.30 -33.78
N GLY A 50 -24.77 13.83 -32.89
CA GLY A 50 -25.07 13.91 -31.47
C GLY A 50 -23.98 14.64 -30.71
N GLU A 51 -24.21 14.91 -29.43
CA GLU A 51 -23.23 15.60 -28.60
C GLU A 51 -22.69 14.79 -27.42
N ALA A 52 -22.16 13.62 -27.69
CA ALA A 52 -21.59 12.78 -26.62
C ALA A 52 -20.28 13.43 -26.18
N ILE A 53 -19.45 13.74 -27.17
CA ILE A 53 -18.17 14.38 -26.90
C ILE A 53 -18.13 15.78 -27.52
N ILE A 54 -17.97 16.79 -26.67
CA ILE A 54 -17.92 18.18 -27.08
C ILE A 54 -16.52 18.78 -26.91
N ILE A 55 -16.16 19.71 -27.79
CA ILE A 55 -14.86 20.33 -27.73
C ILE A 55 -14.87 21.67 -27.01
N ASP A 56 -13.97 21.82 -26.03
CA ASP A 56 -13.83 23.07 -25.30
C ASP A 56 -12.75 23.80 -26.07
N GLU A 57 -13.17 24.50 -27.12
CA GLU A 57 -12.27 25.27 -27.95
C GLU A 57 -11.88 26.57 -27.24
N GLU A 58 -11.09 26.44 -26.19
CA GLU A 58 -10.64 27.59 -25.42
C GLU A 58 -9.57 27.02 -24.51
N ASN A 59 -10.02 26.18 -23.58
CA ASN A 59 -9.08 25.54 -22.68
C ASN A 59 -8.47 24.36 -23.47
N TYR A 60 -8.97 24.18 -24.69
CA TYR A 60 -8.51 23.12 -25.60
C TYR A 60 -8.47 21.73 -24.96
N LYS A 61 -9.65 21.23 -24.60
CA LYS A 61 -9.82 19.92 -23.98
C LYS A 61 -11.09 19.35 -24.56
N PRO A 62 -11.29 18.04 -24.40
CA PRO A 62 -12.52 17.44 -24.93
C PRO A 62 -13.42 17.26 -23.72
N ILE A 63 -14.72 17.22 -23.92
CA ILE A 63 -15.61 17.00 -22.78
C ILE A 63 -16.69 16.00 -23.15
N ILE A 64 -16.91 15.03 -22.28
CA ILE A 64 -17.93 14.03 -22.57
C ILE A 64 -19.21 14.34 -21.80
N GLN A 65 -20.28 14.57 -22.54
CA GLN A 65 -21.56 14.86 -21.92
C GLN A 65 -22.23 13.53 -21.62
N GLU A 66 -21.95 13.02 -20.42
CA GLU A 66 -22.46 11.76 -19.94
C GLU A 66 -23.97 11.57 -20.20
N ALA A 67 -24.66 12.67 -20.45
CA ALA A 67 -26.09 12.63 -20.72
C ALA A 67 -26.33 11.92 -22.06
N SER A 68 -25.28 11.81 -22.86
CA SER A 68 -25.37 11.15 -24.15
C SER A 68 -24.61 9.83 -24.07
N CYS A 69 -23.30 9.90 -24.30
CA CYS A 69 -22.44 8.73 -24.26
C CYS A 69 -23.17 7.42 -23.98
N THR A 70 -23.20 6.55 -24.98
CA THR A 70 -23.87 5.25 -24.84
C THR A 70 -23.01 4.32 -23.99
N GLY A 71 -21.75 4.69 -23.79
CA GLY A 71 -20.86 3.86 -23.01
C GLY A 71 -20.32 2.73 -23.87
N CYS A 72 -20.41 2.92 -25.19
CA CYS A 72 -19.94 1.92 -26.14
C CYS A 72 -18.44 1.70 -25.98
N GLY A 73 -17.76 2.72 -25.46
CA GLY A 73 -16.33 2.62 -25.24
C GLY A 73 -15.40 2.66 -26.43
N ILE A 74 -15.87 3.15 -27.58
CA ILE A 74 -14.98 3.22 -28.73
C ILE A 74 -13.89 4.25 -28.48
N CYS A 75 -14.29 5.44 -28.03
CA CYS A 75 -13.34 6.53 -27.76
C CYS A 75 -12.24 6.09 -26.81
N VAL A 76 -12.59 5.23 -25.86
CA VAL A 76 -11.65 4.72 -24.86
C VAL A 76 -10.54 3.88 -25.48
N HIS A 77 -10.95 2.99 -26.39
CA HIS A 77 -10.00 2.11 -27.05
C HIS A 77 -9.10 2.87 -27.99
N LYS A 78 -9.66 3.89 -28.64
CA LYS A 78 -8.91 4.69 -29.58
C LYS A 78 -7.86 5.63 -28.98
N CYS A 79 -8.19 6.35 -27.90
CA CYS A 79 -7.25 7.29 -27.31
C CYS A 79 -5.81 6.79 -27.33
N PRO A 80 -4.97 7.40 -28.20
CA PRO A 80 -3.56 7.02 -28.34
C PRO A 80 -2.80 6.87 -27.03
N PHE A 81 -3.32 7.43 -25.94
CA PHE A 81 -2.67 7.28 -24.66
C PHE A 81 -3.62 6.43 -23.82
N ASN A 82 -4.45 7.08 -23.04
CA ASN A 82 -5.43 6.39 -22.22
C ASN A 82 -5.90 7.44 -21.25
N ALA A 83 -6.32 8.56 -21.83
CA ALA A 83 -6.80 9.69 -21.06
C ALA A 83 -8.32 9.61 -20.91
N ILE A 84 -8.89 8.45 -21.23
CA ILE A 84 -10.33 8.27 -21.13
C ILE A 84 -10.76 6.98 -20.43
N SER A 85 -11.77 7.13 -19.57
CA SER A 85 -12.36 6.03 -18.83
C SER A 85 -13.86 6.28 -18.87
N ILE A 86 -14.62 5.25 -19.21
CA ILE A 86 -16.08 5.33 -19.28
C ILE A 86 -16.57 4.11 -18.50
N VAL A 87 -17.33 4.34 -17.43
CA VAL A 87 -17.86 3.22 -16.65
C VAL A 87 -19.38 3.28 -16.58
N ASN A 88 -20.01 2.11 -16.55
CA ASN A 88 -21.46 2.02 -16.45
C ASN A 88 -21.80 1.56 -15.04
N LEU A 89 -22.37 2.47 -14.26
CA LEU A 89 -22.72 2.14 -12.89
C LEU A 89 -24.23 2.15 -12.71
N PRO A 90 -24.71 1.47 -11.67
CA PRO A 90 -26.14 1.40 -11.40
C PRO A 90 -26.67 2.70 -10.78
N GLU A 91 -27.84 3.17 -11.21
CA GLU A 91 -28.40 4.37 -10.61
C GLU A 91 -28.87 3.91 -9.24
N GLN A 92 -28.45 4.63 -8.21
CA GLN A 92 -28.78 4.31 -6.83
C GLN A 92 -27.70 5.02 -6.07
N LEU A 93 -26.49 4.89 -6.60
CA LEU A 93 -25.32 5.52 -6.04
C LEU A 93 -25.50 7.00 -6.32
N ASP A 94 -26.25 7.33 -7.38
CA ASP A 94 -26.46 8.73 -7.69
C ASP A 94 -27.10 9.42 -6.49
N GLU A 95 -27.71 8.63 -5.61
CA GLU A 95 -28.37 9.14 -4.42
C GLU A 95 -27.50 9.07 -3.16
N ASP A 96 -26.28 8.57 -3.33
CA ASP A 96 -25.30 8.44 -2.27
C ASP A 96 -24.02 9.16 -2.69
N CYS A 97 -24.13 9.99 -3.72
CA CYS A 97 -23.01 10.74 -4.24
C CYS A 97 -22.53 11.70 -3.15
N VAL A 98 -21.24 11.69 -2.83
CA VAL A 98 -20.73 12.59 -1.79
C VAL A 98 -19.89 13.76 -2.31
N HIS A 99 -19.10 13.52 -3.35
CA HIS A 99 -18.25 14.58 -3.88
C HIS A 99 -17.61 14.26 -5.22
N ARG A 100 -17.59 15.26 -6.10
CA ARG A 100 -16.98 15.12 -7.42
C ARG A 100 -16.11 16.35 -7.66
N TYR A 101 -14.90 16.16 -8.18
CA TYR A 101 -14.01 17.29 -8.38
C TYR A 101 -14.23 18.09 -9.66
N GLY A 102 -15.38 17.89 -10.28
CA GLY A 102 -15.67 18.62 -11.50
C GLY A 102 -16.05 17.79 -12.71
N VAL A 103 -16.22 18.48 -13.82
CA VAL A 103 -16.61 17.87 -15.10
C VAL A 103 -15.59 16.83 -15.57
N ASN A 104 -16.05 15.57 -15.66
CA ASN A 104 -15.21 14.48 -16.09
C ASN A 104 -14.09 14.22 -15.08
N ALA A 105 -14.28 14.70 -13.85
CA ALA A 105 -13.27 14.48 -12.82
C ALA A 105 -13.68 13.31 -11.91
N PHE A 106 -12.80 12.96 -10.98
CA PHE A 106 -13.07 11.89 -10.03
C PHE A 106 -14.26 12.19 -9.11
N VAL A 107 -15.04 11.16 -8.80
CA VAL A 107 -16.20 11.28 -7.92
C VAL A 107 -16.23 10.18 -6.86
N LEU A 108 -16.64 10.54 -5.64
CA LEU A 108 -16.72 9.59 -4.52
C LEU A 108 -18.17 9.34 -4.05
N TYR A 109 -18.46 8.09 -3.71
CA TYR A 109 -19.77 7.67 -3.22
C TYR A 109 -19.68 7.09 -1.80
N ARG A 110 -20.63 7.48 -0.94
CA ARG A 110 -20.68 7.00 0.44
C ARG A 110 -19.51 7.42 1.30
N LEU A 111 -19.67 7.25 2.60
CA LEU A 111 -18.64 7.61 3.57
C LEU A 111 -18.49 6.57 4.66
N PRO A 112 -17.30 6.51 5.26
CA PRO A 112 -17.00 5.56 6.35
C PRO A 112 -17.63 6.06 7.65
N ILE A 113 -17.87 5.16 8.59
CA ILE A 113 -18.47 5.54 9.86
C ILE A 113 -17.43 5.68 10.99
N VAL A 114 -17.49 6.76 11.76
CA VAL A 114 -16.57 6.96 12.88
C VAL A 114 -17.29 6.56 14.18
N LYS A 115 -16.62 5.76 15.01
CA LYS A 115 -17.22 5.28 16.24
C LYS A 115 -16.47 5.58 17.54
N ASP A 116 -17.16 6.20 18.51
CA ASP A 116 -16.57 6.54 19.81
C ASP A 116 -16.01 5.29 20.47
N GLY A 117 -14.75 5.35 20.93
CA GLY A 117 -14.13 4.21 21.57
C GLY A 117 -13.59 3.07 20.72
N MET A 118 -13.51 3.27 19.41
CA MET A 118 -13.00 2.22 18.54
C MET A 118 -12.13 2.73 17.41
N VAL A 119 -11.46 1.80 16.74
CA VAL A 119 -10.60 2.13 15.60
C VAL A 119 -11.23 1.60 14.31
N VAL A 120 -11.70 2.51 13.47
CA VAL A 120 -12.31 2.13 12.20
C VAL A 120 -11.27 2.19 11.09
N GLY A 121 -10.92 1.04 10.54
CA GLY A 121 -9.93 1.04 9.47
C GLY A 121 -10.49 1.26 8.07
N ILE A 122 -9.64 1.72 7.16
CA ILE A 122 -10.06 1.95 5.77
C ILE A 122 -9.05 1.37 4.81
N VAL A 123 -9.50 0.54 3.88
CA VAL A 123 -8.55 -0.04 2.93
C VAL A 123 -9.05 -0.03 1.49
N GLY A 124 -8.12 0.13 0.55
CA GLY A 124 -8.43 0.14 -0.85
C GLY A 124 -7.30 0.76 -1.65
N PRO A 125 -7.28 0.59 -2.98
CA PRO A 125 -6.23 1.17 -3.83
C PRO A 125 -6.23 2.70 -3.80
N ASN A 126 -5.08 3.31 -4.08
CA ASN A 126 -5.01 4.77 -4.08
C ASN A 126 -5.81 5.33 -5.24
N GLY A 127 -6.21 6.60 -5.14
CA GLY A 127 -6.97 7.19 -6.20
C GLY A 127 -8.44 6.81 -6.14
N THR A 128 -8.89 6.34 -4.97
CA THR A 128 -10.30 5.99 -4.82
C THR A 128 -10.95 6.74 -3.65
N GLY A 129 -10.40 7.91 -3.34
CA GLY A 129 -10.97 8.74 -2.30
C GLY A 129 -10.76 8.45 -0.82
N LYS A 130 -9.78 7.62 -0.47
CA LYS A 130 -9.54 7.35 0.95
C LYS A 130 -9.28 8.67 1.64
N THR A 131 -8.28 9.39 1.15
CA THR A 131 -7.92 10.69 1.69
C THR A 131 -9.00 11.76 1.48
N THR A 132 -9.81 11.58 0.44
CA THR A 132 -10.88 12.55 0.19
C THR A 132 -11.87 12.46 1.35
N ALA A 133 -12.20 11.23 1.75
CA ALA A 133 -13.14 11.01 2.86
C ALA A 133 -12.63 11.61 4.17
N VAL A 134 -11.33 11.61 4.35
CA VAL A 134 -10.71 12.11 5.55
C VAL A 134 -10.82 13.63 5.71
N LYS A 135 -10.51 14.37 4.66
CA LYS A 135 -10.58 15.83 4.76
C LYS A 135 -12.02 16.31 4.98
N ILE A 136 -12.97 15.54 4.46
CA ILE A 136 -14.38 15.89 4.58
C ILE A 136 -14.86 15.71 6.03
N LEU A 137 -14.63 14.52 6.58
CA LEU A 137 -15.04 14.24 7.95
C LEU A 137 -14.26 15.07 8.96
N ALA A 138 -13.16 15.64 8.52
CA ALA A 138 -12.32 16.45 9.40
C ALA A 138 -12.63 17.94 9.27
N GLY A 139 -13.52 18.27 8.34
CA GLY A 139 -13.90 19.67 8.14
C GLY A 139 -13.05 20.46 7.15
N GLN A 140 -11.92 19.90 6.72
CA GLN A 140 -11.06 20.61 5.78
C GLN A 140 -11.74 20.78 4.44
N LEU A 141 -12.56 19.81 4.04
CA LEU A 141 -13.29 19.91 2.78
C LEU A 141 -14.80 19.69 2.97
N ILE A 142 -15.60 20.64 2.49
CA ILE A 142 -17.06 20.58 2.57
C ILE A 142 -17.51 19.86 1.30
N PRO A 143 -18.07 18.65 1.42
CA PRO A 143 -18.51 17.90 0.24
C PRO A 143 -19.48 18.71 -0.63
N ASN A 144 -19.34 18.58 -1.95
CA ASN A 144 -20.20 19.31 -2.86
C ASN A 144 -21.38 18.49 -3.38
N LEU A 145 -21.56 17.32 -2.79
CA LEU A 145 -22.65 16.44 -3.15
C LEU A 145 -22.78 16.23 -4.65
N CYS A 146 -21.65 16.25 -5.35
CA CYS A 146 -21.64 16.08 -6.80
C CYS A 146 -22.62 17.06 -7.42
N GLU A 147 -22.64 18.26 -6.86
CA GLU A 147 -23.51 19.34 -7.31
C GLU A 147 -22.63 20.58 -7.17
N ASP A 148 -23.20 21.70 -6.77
CA ASP A 148 -22.37 22.88 -6.60
C ASP A 148 -22.47 23.35 -5.14
N ASN A 149 -22.79 22.40 -4.26
CA ASN A 149 -22.94 22.70 -2.85
C ASN A 149 -21.68 23.25 -2.17
N ASP A 150 -21.90 24.24 -1.31
CA ASP A 150 -20.81 24.89 -0.59
C ASP A 150 -21.12 25.11 0.88
N SER A 151 -22.15 24.45 1.40
CA SER A 151 -22.51 24.64 2.80
C SER A 151 -22.63 23.33 3.54
N TRP A 152 -22.57 23.40 4.87
CA TRP A 152 -22.71 22.21 5.68
C TRP A 152 -24.18 21.85 5.87
N ASP A 153 -25.05 22.86 5.87
CA ASP A 153 -26.47 22.61 6.06
C ASP A 153 -27.02 21.70 4.98
N ASN A 154 -26.62 21.95 3.74
CA ASN A 154 -27.10 21.13 2.65
C ASN A 154 -26.56 19.71 2.85
N VAL A 155 -25.39 19.60 3.49
CA VAL A 155 -24.75 18.32 3.79
C VAL A 155 -25.56 17.57 4.87
N ILE A 156 -25.83 18.26 5.97
CA ILE A 156 -26.62 17.73 7.08
C ILE A 156 -27.93 17.19 6.55
N ARG A 157 -28.58 17.96 5.69
CA ARG A 157 -29.85 17.55 5.11
C ARG A 157 -29.68 16.26 4.32
N ALA A 158 -28.64 16.20 3.49
CA ALA A 158 -28.39 15.02 2.68
C ALA A 158 -28.19 13.77 3.53
N PHE A 159 -27.60 13.93 4.71
CA PHE A 159 -27.37 12.80 5.58
C PHE A 159 -28.44 12.59 6.64
N ARG A 160 -29.64 13.11 6.39
CA ARG A 160 -30.72 12.94 7.36
C ARG A 160 -31.06 11.46 7.44
N GLY A 161 -31.11 10.92 8.65
CA GLY A 161 -31.42 9.51 8.80
C GLY A 161 -30.18 8.67 8.98
N ASN A 162 -29.06 9.17 8.48
CA ASN A 162 -27.78 8.47 8.61
C ASN A 162 -27.23 8.86 9.97
N GLU A 163 -26.41 8.00 10.57
CA GLU A 163 -25.86 8.34 11.89
C GLU A 163 -24.83 9.45 11.78
N LEU A 164 -24.50 9.85 10.55
CA LEU A 164 -23.52 10.90 10.33
C LEU A 164 -24.18 12.26 10.37
N GLN A 165 -25.51 12.28 10.23
CA GLN A 165 -26.24 13.55 10.25
C GLN A 165 -25.87 14.36 11.49
N ASN A 166 -25.79 13.68 12.63
CA ASN A 166 -25.45 14.38 13.86
C ASN A 166 -23.98 14.81 13.92
N TYR A 167 -23.11 13.93 13.43
CA TYR A 167 -21.68 14.21 13.40
C TYR A 167 -21.47 15.54 12.68
N PHE A 168 -22.10 15.68 11.52
CA PHE A 168 -21.99 16.88 10.71
C PHE A 168 -22.65 18.13 11.32
N GLU A 169 -23.70 17.95 12.10
CA GLU A 169 -24.34 19.09 12.75
C GLU A 169 -23.30 19.64 13.72
N ARG A 170 -22.67 18.73 14.45
CA ARG A 170 -21.64 19.09 15.40
C ARG A 170 -20.41 19.63 14.71
N LEU A 171 -20.06 19.02 13.58
CA LEU A 171 -18.90 19.45 12.82
C LEU A 171 -19.04 20.89 12.37
N LYS A 172 -20.26 21.31 12.02
CA LYS A 172 -20.46 22.67 11.57
C LYS A 172 -20.52 23.64 12.75
N ASN A 173 -21.12 23.21 13.87
CA ASN A 173 -21.22 24.06 15.06
C ASN A 173 -19.86 24.43 15.62
N GLY A 174 -18.89 23.57 15.37
CA GLY A 174 -17.55 23.82 15.87
C GLY A 174 -17.34 23.10 17.18
N GLU A 175 -18.23 22.16 17.49
CA GLU A 175 -18.13 21.40 18.73
C GLU A 175 -16.94 20.46 18.67
N ILE A 176 -16.90 19.65 17.63
CA ILE A 176 -15.80 18.71 17.47
C ILE A 176 -14.91 19.09 16.28
N ARG A 177 -13.60 18.92 16.46
CA ARG A 177 -12.65 19.19 15.40
C ARG A 177 -11.50 18.19 15.43
N PRO A 178 -11.59 17.17 14.55
CA PRO A 178 -10.63 16.09 14.39
C PRO A 178 -9.17 16.52 14.23
N VAL A 179 -8.28 15.64 14.69
CA VAL A 179 -6.85 15.84 14.60
C VAL A 179 -6.47 14.96 13.43
N VAL A 180 -5.52 15.41 12.62
CA VAL A 180 -5.14 14.62 11.45
C VAL A 180 -3.65 14.39 11.22
N LYS A 181 -3.27 13.13 11.10
CA LYS A 181 -1.89 12.81 10.80
C LYS A 181 -1.98 12.75 9.28
N PRO A 182 -1.42 13.76 8.59
CA PRO A 182 -1.44 13.86 7.13
C PRO A 182 -0.67 12.77 6.39
N GLN A 183 -1.17 12.43 5.21
CA GLN A 183 -0.55 11.40 4.40
C GLN A 183 0.89 11.81 4.02
N TYR A 184 1.00 12.92 3.29
CA TYR A 184 2.27 13.46 2.82
C TYR A 184 3.12 14.08 3.92
N VAL A 185 3.94 13.25 4.55
CA VAL A 185 4.82 13.68 5.63
C VAL A 185 6.05 14.35 5.06
N ASP A 186 6.35 14.09 3.79
CA ASP A 186 7.51 14.67 3.15
C ASP A 186 7.34 16.17 2.83
N LEU A 187 6.38 16.82 3.46
CA LEU A 187 6.16 18.24 3.21
C LEU A 187 6.32 18.99 4.51
N LEU A 188 6.22 18.26 5.62
CA LEU A 188 6.36 18.81 6.96
C LEU A 188 7.61 19.70 7.07
N PRO A 189 8.78 19.21 6.62
CA PRO A 189 10.02 19.99 6.70
C PRO A 189 9.89 21.38 6.10
N LYS A 190 9.22 21.47 4.96
CA LYS A 190 9.04 22.75 4.28
C LYS A 190 7.76 23.46 4.66
N ALA A 191 7.50 23.53 5.95
CA ALA A 191 6.30 24.19 6.45
C ALA A 191 6.58 24.71 7.87
N VAL A 192 7.48 24.01 8.56
CA VAL A 192 7.85 24.37 9.92
C VAL A 192 9.36 24.61 9.99
N LYS A 193 9.84 25.01 11.16
CA LYS A 193 11.27 25.24 11.36
C LYS A 193 11.65 24.89 12.79
N GLY A 194 12.94 24.64 13.00
CA GLY A 194 13.41 24.29 14.32
C GLY A 194 13.71 22.81 14.46
N LYS A 195 13.96 22.38 15.69
CA LYS A 195 14.28 20.98 15.98
C LYS A 195 13.02 20.21 16.37
N VAL A 196 13.16 18.93 16.67
CA VAL A 196 12.02 18.10 17.04
C VAL A 196 11.50 18.41 18.44
N ARG A 197 12.40 18.76 19.36
CA ARG A 197 11.99 19.08 20.73
C ARG A 197 10.97 20.23 20.78
N GLU A 198 11.22 21.28 20.00
CA GLU A 198 10.36 22.44 19.97
C GLU A 198 8.92 22.18 19.52
N LEU A 199 8.78 21.67 18.29
CA LEU A 199 7.46 21.40 17.74
C LEU A 199 6.59 20.53 18.65
N LEU A 200 7.16 19.47 19.19
CA LEU A 200 6.42 18.56 20.07
C LEU A 200 6.01 19.21 21.38
N LYS A 201 6.72 20.25 21.79
CA LYS A 201 6.38 20.96 23.02
C LYS A 201 5.09 21.73 22.74
N LYS A 202 5.14 22.59 21.73
CA LYS A 202 4.00 23.41 21.34
C LYS A 202 2.72 22.59 21.12
N VAL A 203 2.76 21.69 20.16
CA VAL A 203 1.63 20.83 19.82
C VAL A 203 1.14 19.97 21.00
N ASP A 204 1.97 19.84 22.03
CA ASP A 204 1.59 19.07 23.20
C ASP A 204 0.35 19.69 23.88
N GLU A 205 -0.58 18.85 24.33
CA GLU A 205 -1.79 19.35 25.00
C GLU A 205 -2.32 18.38 26.03
N VAL A 206 -1.63 17.27 26.21
CA VAL A 206 -2.06 16.27 27.18
C VAL A 206 -0.92 16.04 28.15
N GLY A 207 0.20 16.70 27.88
CA GLY A 207 1.36 16.56 28.73
C GLY A 207 1.86 15.12 28.77
N LYS A 208 2.56 14.73 27.71
CA LYS A 208 3.12 13.39 27.63
C LYS A 208 4.31 13.38 26.69
N PHE A 209 5.06 14.48 26.69
CA PHE A 209 6.24 14.60 25.86
C PHE A 209 7.13 13.37 26.02
N GLU A 210 7.14 12.79 27.22
CA GLU A 210 7.96 11.61 27.50
C GLU A 210 7.43 10.29 26.99
N GLU A 211 6.20 9.95 27.36
CA GLU A 211 5.59 8.70 26.95
C GLU A 211 5.70 8.55 25.42
N VAL A 212 5.13 9.52 24.72
CA VAL A 212 5.12 9.56 23.27
C VAL A 212 6.53 9.43 22.67
N VAL A 213 7.40 10.38 22.96
CA VAL A 213 8.76 10.39 22.46
C VAL A 213 9.52 9.09 22.74
N LYS A 214 9.11 8.40 23.79
CA LYS A 214 9.76 7.15 24.16
C LYS A 214 9.23 5.96 23.38
N GLU A 215 7.91 5.77 23.41
CA GLU A 215 7.30 4.64 22.69
C GLU A 215 7.62 4.69 21.20
N LEU A 216 7.75 5.91 20.65
CA LEU A 216 8.08 6.09 19.25
C LEU A 216 9.59 6.16 19.09
N GLU A 217 10.30 5.85 20.18
CA GLU A 217 11.75 5.85 20.20
C GLU A 217 12.33 7.07 19.50
N LEU A 218 11.97 8.26 19.97
CA LEU A 218 12.43 9.51 19.37
C LEU A 218 13.55 10.24 20.13
N GLU A 219 13.97 9.66 21.26
CA GLU A 219 15.00 10.26 22.11
C GLU A 219 16.17 10.90 21.36
N ASN A 220 16.71 10.21 20.37
CA ASN A 220 17.84 10.76 19.62
C ASN A 220 17.44 11.98 18.79
N VAL A 221 16.63 11.75 17.76
CA VAL A 221 16.16 12.79 16.85
C VAL A 221 15.79 14.15 17.48
N LEU A 222 15.29 14.12 18.71
CA LEU A 222 14.88 15.33 19.42
C LEU A 222 15.64 16.62 19.13
N ASP A 223 16.97 16.55 19.19
CA ASP A 223 17.79 17.74 18.99
C ASP A 223 18.20 18.02 17.55
N ARG A 224 17.67 17.24 16.62
CA ARG A 224 17.97 17.43 15.20
C ARG A 224 16.86 18.29 14.58
N GLU A 225 17.03 18.66 13.32
CA GLU A 225 16.04 19.51 12.66
C GLU A 225 15.18 18.82 11.60
N LEU A 226 14.02 19.39 11.35
CA LEU A 226 13.06 18.86 10.40
C LEU A 226 13.66 18.40 9.08
N HIS A 227 14.43 19.27 8.45
CA HIS A 227 15.03 18.93 7.16
C HIS A 227 16.13 17.88 7.26
N GLN A 228 16.68 17.68 8.45
CA GLN A 228 17.74 16.69 8.61
C GLN A 228 17.20 15.31 8.96
N LEU A 229 15.87 15.16 8.90
CA LEU A 229 15.19 13.90 9.22
C LEU A 229 14.95 13.04 7.99
N SER A 230 14.76 11.75 8.21
CA SER A 230 14.49 10.82 7.12
C SER A 230 13.00 10.59 7.01
N GLY A 231 12.60 9.69 6.12
CA GLY A 231 11.19 9.39 5.97
C GLY A 231 10.66 8.78 7.25
N GLY A 232 11.29 7.70 7.70
CA GLY A 232 10.85 7.07 8.92
C GLY A 232 10.75 8.03 10.09
N GLU A 233 11.79 8.84 10.28
CA GLU A 233 11.80 9.80 11.37
C GLU A 233 10.67 10.82 11.20
N LEU A 234 10.61 11.44 10.02
CA LEU A 234 9.59 12.44 9.70
C LEU A 234 8.21 11.86 10.02
N GLN A 235 7.96 10.65 9.53
CA GLN A 235 6.71 9.96 9.76
C GLN A 235 6.44 9.93 11.25
N ARG A 236 7.38 9.38 12.00
CA ARG A 236 7.23 9.26 13.44
C ARG A 236 7.01 10.57 14.17
N VAL A 237 7.67 11.64 13.75
CA VAL A 237 7.45 12.93 14.40
C VAL A 237 5.99 13.37 14.18
N ALA A 238 5.41 12.96 13.05
CA ALA A 238 4.03 13.32 12.75
C ALA A 238 3.07 12.54 13.64
N ILE A 239 3.30 11.24 13.77
CA ILE A 239 2.45 10.41 14.61
C ILE A 239 2.47 11.02 16.00
N ALA A 240 3.67 11.41 16.42
CA ALA A 240 3.91 11.98 17.72
C ALA A 240 3.08 13.23 17.98
N ALA A 241 3.25 14.25 17.14
CA ALA A 241 2.50 15.48 17.33
C ALA A 241 1.01 15.20 17.39
N ALA A 242 0.57 14.13 16.76
CA ALA A 242 -0.85 13.78 16.75
C ALA A 242 -1.31 13.23 18.10
N LEU A 243 -0.49 12.41 18.73
CA LEU A 243 -0.85 11.84 20.04
C LEU A 243 -0.73 12.87 21.14
N LEU A 244 0.05 13.92 20.89
CA LEU A 244 0.23 14.96 21.88
C LEU A 244 -0.97 15.91 21.90
N ARG A 245 -1.76 15.88 20.82
CA ARG A 245 -2.92 16.73 20.75
C ARG A 245 -4.02 16.23 21.67
N LYS A 246 -4.71 17.15 22.31
CA LYS A 246 -5.80 16.81 23.22
C LYS A 246 -7.12 16.99 22.49
N ALA A 247 -7.62 15.90 21.91
CA ALA A 247 -8.87 15.93 21.18
C ALA A 247 -9.68 14.67 21.48
N HIS A 248 -10.64 14.36 20.62
CA HIS A 248 -11.47 13.16 20.78
C HIS A 248 -11.43 12.34 19.49
N PHE A 249 -11.29 13.04 18.36
CA PHE A 249 -11.23 12.40 17.05
C PHE A 249 -9.81 12.45 16.51
N TYR A 250 -9.30 11.29 16.12
CA TYR A 250 -7.96 11.19 15.59
C TYR A 250 -8.02 10.47 14.26
N PHE A 251 -7.52 11.10 13.22
CA PHE A 251 -7.54 10.48 11.90
C PHE A 251 -6.13 10.29 11.35
N PHE A 252 -5.69 9.04 11.27
CA PHE A 252 -4.34 8.73 10.77
C PHE A 252 -4.34 8.24 9.33
N ASP A 253 -3.76 9.03 8.43
CA ASP A 253 -3.71 8.67 7.02
C ASP A 253 -2.37 8.02 6.59
N GLU A 254 -2.38 6.69 6.47
CA GLU A 254 -1.20 5.94 6.04
C GLU A 254 0.05 5.98 6.94
N PRO A 255 -0.13 5.83 8.27
CA PRO A 255 0.98 5.86 9.23
C PRO A 255 2.06 4.80 8.97
N SER A 256 1.71 3.78 8.20
CA SER A 256 2.66 2.71 7.92
C SER A 256 3.89 3.14 7.13
N SER A 257 3.72 4.07 6.19
CA SER A 257 4.80 4.56 5.32
C SER A 257 6.12 4.92 6.03
N TYR A 258 7.23 4.52 5.41
CA TYR A 258 8.59 4.78 5.92
C TYR A 258 8.98 4.05 7.20
N LEU A 259 8.06 3.29 7.77
CA LEU A 259 8.33 2.54 8.99
C LEU A 259 8.73 1.11 8.68
N ASP A 260 9.70 0.57 9.42
CA ASP A 260 10.14 -0.80 9.19
C ASP A 260 9.22 -1.79 9.90
N ILE A 261 9.44 -3.06 9.60
CA ILE A 261 8.68 -4.17 10.16
C ILE A 261 8.33 -4.02 11.65
N ARG A 262 9.34 -3.65 12.45
CA ARG A 262 9.22 -3.46 13.90
C ARG A 262 8.40 -2.22 14.28
N GLN A 263 8.84 -1.08 13.77
CA GLN A 263 8.21 0.21 14.01
C GLN A 263 6.71 0.25 13.70
N ARG A 264 6.33 -0.15 12.48
CA ARG A 264 4.93 -0.12 12.09
C ARG A 264 4.02 -0.95 12.99
N LEU A 265 4.51 -2.12 13.43
CA LEU A 265 3.72 -2.97 14.31
C LEU A 265 3.60 -2.36 15.73
N LYS A 266 4.66 -1.70 16.19
CA LYS A 266 4.64 -1.07 17.50
C LYS A 266 3.75 0.17 17.57
N VAL A 267 3.63 0.89 16.46
CA VAL A 267 2.79 2.09 16.48
C VAL A 267 1.30 1.75 16.51
N ALA A 268 0.90 0.68 15.81
CA ALA A 268 -0.51 0.29 15.81
C ALA A 268 -0.96 0.11 17.27
N ARG A 269 -0.12 -0.56 18.05
CA ARG A 269 -0.38 -0.80 19.46
C ARG A 269 -0.51 0.54 20.20
N VAL A 270 0.36 1.49 19.88
CA VAL A 270 0.30 2.80 20.52
C VAL A 270 -0.98 3.54 20.12
N ILE A 271 -1.30 3.52 18.82
CA ILE A 271 -2.49 4.19 18.33
C ILE A 271 -3.78 3.56 18.84
N ARG A 272 -3.89 2.25 18.69
CA ARG A 272 -5.09 1.53 19.13
C ARG A 272 -5.51 1.83 20.59
N ARG A 273 -4.52 2.10 21.44
CA ARG A 273 -4.82 2.42 22.82
C ARG A 273 -5.67 3.68 22.98
N LEU A 274 -5.75 4.49 21.93
CA LEU A 274 -6.56 5.70 21.99
C LEU A 274 -8.01 5.29 22.12
N ALA A 275 -8.36 4.15 21.52
CA ALA A 275 -9.72 3.66 21.57
C ALA A 275 -10.07 3.39 23.03
N ASN A 276 -9.09 2.86 23.76
CA ASN A 276 -9.23 2.57 25.18
C ASN A 276 -9.69 3.80 25.96
N GLU A 277 -8.95 4.89 25.83
CA GLU A 277 -9.27 6.14 26.51
C GLU A 277 -10.66 6.60 26.13
N GLY A 278 -11.30 5.84 25.25
CA GLY A 278 -12.64 6.16 24.81
C GLY A 278 -12.71 7.15 23.66
N LYS A 279 -11.65 7.23 22.88
CA LYS A 279 -11.62 8.14 21.75
C LYS A 279 -11.96 7.41 20.47
N ALA A 280 -12.51 8.15 19.50
CA ALA A 280 -12.87 7.60 18.18
C ALA A 280 -11.66 7.68 17.25
N VAL A 281 -11.18 6.53 16.80
CA VAL A 281 -10.03 6.48 15.91
C VAL A 281 -10.35 6.03 14.48
N LEU A 282 -9.67 6.64 13.53
CA LEU A 282 -9.87 6.32 12.11
C LEU A 282 -8.49 6.15 11.47
N VAL A 283 -8.29 5.06 10.75
CA VAL A 283 -6.99 4.82 10.12
C VAL A 283 -7.03 4.24 8.69
N VAL A 284 -6.24 4.83 7.78
CA VAL A 284 -6.16 4.31 6.43
C VAL A 284 -4.89 3.48 6.42
N GLU A 285 -4.95 2.27 5.88
CA GLU A 285 -3.76 1.43 5.85
C GLU A 285 -3.61 0.57 4.62
N HIS A 286 -2.36 0.33 4.24
CA HIS A 286 -2.04 -0.50 3.09
C HIS A 286 -1.31 -1.76 3.56
N ASP A 287 -1.07 -1.86 4.86
CA ASP A 287 -0.43 -3.02 5.46
C ASP A 287 -1.53 -3.81 6.18
N LEU A 288 -2.09 -4.81 5.49
CA LEU A 288 -3.17 -5.64 6.03
C LEU A 288 -2.98 -6.15 7.45
N ALA A 289 -1.77 -6.61 7.77
CA ALA A 289 -1.50 -7.08 9.12
C ALA A 289 -1.62 -5.92 10.11
N VAL A 290 -1.13 -4.74 9.69
CA VAL A 290 -1.18 -3.56 10.53
C VAL A 290 -2.61 -3.08 10.70
N LEU A 291 -3.40 -3.25 9.63
CA LEU A 291 -4.80 -2.86 9.60
C LEU A 291 -5.63 -3.74 10.54
N ASP A 292 -5.43 -5.04 10.42
CA ASP A 292 -6.12 -6.05 11.22
C ASP A 292 -5.90 -5.81 12.71
N TYR A 293 -4.64 -5.67 13.10
CA TYR A 293 -4.30 -5.44 14.48
C TYR A 293 -4.94 -4.16 14.97
N LEU A 294 -4.84 -3.10 14.18
CA LEU A 294 -5.41 -1.82 14.55
C LEU A 294 -6.94 -1.81 14.67
N SER A 295 -7.57 -2.02 13.53
CA SER A 295 -9.02 -1.99 13.35
C SER A 295 -9.99 -2.87 14.16
N ASP A 296 -11.12 -2.25 14.52
CA ASP A 296 -12.22 -2.88 15.23
C ASP A 296 -13.32 -3.05 14.20
N VAL A 297 -13.39 -2.07 13.30
CA VAL A 297 -14.36 -2.03 12.19
C VAL A 297 -13.52 -1.78 10.94
N ILE A 298 -14.09 -2.07 9.77
CA ILE A 298 -13.36 -1.89 8.53
C ILE A 298 -14.25 -1.57 7.35
N HIS A 299 -13.72 -0.73 6.46
CA HIS A 299 -14.40 -0.35 5.24
C HIS A 299 -13.50 -0.68 4.05
N VAL A 300 -14.11 -1.13 2.96
CA VAL A 300 -13.38 -1.42 1.73
C VAL A 300 -13.82 -0.32 0.77
N VAL A 301 -12.91 0.14 -0.08
CA VAL A 301 -13.24 1.17 -1.05
C VAL A 301 -12.92 0.51 -2.37
N TYR A 302 -13.93 0.42 -3.24
CA TYR A 302 -13.76 -0.21 -4.56
C TYR A 302 -14.10 0.73 -5.71
N GLY A 303 -13.53 0.44 -6.87
CA GLY A 303 -13.78 1.27 -8.04
C GLY A 303 -12.48 1.44 -8.80
N GLU A 304 -12.52 2.16 -9.92
CA GLU A 304 -11.32 2.35 -10.69
C GLU A 304 -10.54 3.59 -10.25
N PRO A 305 -9.24 3.43 -9.93
CA PRO A 305 -8.35 4.52 -9.48
C PRO A 305 -8.43 5.77 -10.36
N GLY A 306 -8.55 6.93 -9.73
CA GLY A 306 -8.62 8.19 -10.46
C GLY A 306 -9.95 8.52 -11.10
N VAL A 307 -10.85 7.54 -11.11
CA VAL A 307 -12.16 7.69 -11.70
C VAL A 307 -13.25 7.88 -10.64
N TYR A 308 -13.49 6.84 -9.85
CA TYR A 308 -14.51 6.91 -8.81
C TYR A 308 -14.24 5.90 -7.70
N GLY A 309 -14.82 6.16 -6.53
CA GLY A 309 -14.64 5.28 -5.39
C GLY A 309 -15.93 5.13 -4.59
N ILE A 310 -16.14 3.93 -4.06
CA ILE A 310 -17.33 3.65 -3.27
C ILE A 310 -16.95 2.98 -1.95
N PHE A 311 -17.46 3.52 -0.86
CA PHE A 311 -17.22 2.99 0.47
C PHE A 311 -18.25 1.89 0.75
N SER A 312 -17.80 0.75 1.24
CA SER A 312 -18.72 -0.34 1.53
C SER A 312 -19.33 -0.11 2.92
N LYS A 313 -20.29 -0.96 3.30
CA LYS A 313 -20.90 -0.84 4.62
C LYS A 313 -19.82 -1.25 5.61
N PRO A 314 -19.95 -0.81 6.88
CA PRO A 314 -18.91 -1.20 7.85
C PRO A 314 -18.90 -2.71 8.04
N LYS A 315 -17.71 -3.28 8.19
CA LYS A 315 -17.57 -4.72 8.36
C LYS A 315 -16.72 -5.05 9.57
N GLY A 316 -16.84 -6.29 10.05
CA GLY A 316 -16.05 -6.73 11.18
C GLY A 316 -14.67 -6.98 10.62
N THR A 317 -13.65 -6.44 11.28
CA THR A 317 -12.27 -6.59 10.84
C THR A 317 -12.02 -7.92 10.17
N ARG A 318 -12.32 -9.01 10.87
CA ARG A 318 -12.09 -10.35 10.35
C ARG A 318 -12.77 -10.59 9.01
N ASN A 319 -14.10 -10.66 9.03
CA ASN A 319 -14.87 -10.90 7.81
C ASN A 319 -14.45 -9.93 6.71
N GLY A 320 -14.52 -8.63 7.01
CA GLY A 320 -14.16 -7.61 6.05
C GLY A 320 -12.84 -7.83 5.34
N ILE A 321 -11.79 -8.17 6.08
CA ILE A 321 -10.48 -8.42 5.50
C ILE A 321 -10.40 -9.68 4.64
N ASN A 322 -11.19 -10.70 4.96
CA ASN A 322 -11.19 -11.92 4.17
C ASN A 322 -11.89 -11.71 2.84
N GLU A 323 -13.05 -11.05 2.87
CA GLU A 323 -13.78 -10.78 1.65
C GLU A 323 -12.89 -9.92 0.78
N PHE A 324 -12.05 -9.10 1.42
CA PHE A 324 -11.15 -8.24 0.66
C PHE A 324 -10.18 -9.08 -0.16
N LEU A 325 -9.57 -10.07 0.48
CA LEU A 325 -8.63 -10.95 -0.20
C LEU A 325 -9.32 -11.65 -1.38
N GLN A 326 -10.60 -11.97 -1.21
CA GLN A 326 -11.35 -12.67 -2.25
C GLN A 326 -11.73 -11.77 -3.44
N GLY A 327 -11.82 -10.47 -3.20
CA GLY A 327 -12.18 -9.54 -4.27
C GLY A 327 -13.67 -9.59 -4.54
N TYR A 328 -14.41 -9.89 -3.48
CA TYR A 328 -15.85 -9.97 -3.58
C TYR A 328 -16.49 -9.60 -2.23
N LEU A 329 -17.24 -8.49 -2.24
CA LEU A 329 -17.90 -8.01 -1.03
C LEU A 329 -19.34 -8.52 -1.02
N LYS A 330 -19.59 -9.57 -0.25
CA LYS A 330 -20.91 -10.19 -0.19
C LYS A 330 -22.14 -9.29 -0.06
N ASP A 331 -22.26 -8.55 1.03
CA ASP A 331 -23.41 -7.65 1.22
C ASP A 331 -23.58 -6.72 0.02
N GLU A 332 -22.55 -5.94 -0.28
CA GLU A 332 -22.58 -5.03 -1.41
C GLU A 332 -22.82 -5.82 -2.69
N ASN A 333 -22.32 -7.05 -2.72
CA ASN A 333 -22.47 -7.92 -3.88
C ASN A 333 -21.70 -7.39 -5.07
N VAL A 334 -20.37 -7.30 -4.93
CA VAL A 334 -19.51 -6.79 -5.98
C VAL A 334 -18.21 -7.58 -6.08
N ARG A 335 -17.63 -7.64 -7.27
CA ARG A 335 -16.37 -8.34 -7.48
C ARG A 335 -15.38 -7.36 -8.09
N PHE A 336 -14.48 -6.83 -7.26
CA PHE A 336 -13.51 -5.83 -7.70
C PHE A 336 -12.18 -6.38 -8.16
N ARG A 337 -12.08 -7.71 -8.25
CA ARG A 337 -10.84 -8.30 -8.71
C ARG A 337 -11.15 -9.66 -9.28
N PRO A 338 -10.91 -9.82 -10.58
CA PRO A 338 -11.15 -11.06 -11.33
C PRO A 338 -10.66 -12.30 -10.58
N TYR A 339 -9.42 -12.23 -10.11
CA TYR A 339 -8.81 -13.32 -9.36
C TYR A 339 -8.80 -13.04 -7.86
N GLU A 340 -8.79 -14.12 -7.08
CA GLU A 340 -8.73 -14.00 -5.63
C GLU A 340 -7.27 -14.14 -5.25
N ILE A 341 -7.03 -14.09 -3.95
CA ILE A 341 -5.68 -14.25 -3.42
C ILE A 341 -5.84 -15.07 -2.15
N ARG A 342 -5.59 -16.37 -2.27
CA ARG A 342 -5.73 -17.28 -1.15
C ARG A 342 -4.39 -17.78 -0.68
N PHE A 343 -4.25 -17.84 0.64
CA PHE A 343 -3.03 -18.34 1.25
C PHE A 343 -3.22 -19.85 1.36
N THR A 344 -2.15 -20.60 1.15
CA THR A 344 -2.21 -22.06 1.21
C THR A 344 -2.25 -22.50 2.67
N LYS A 345 -3.38 -23.10 3.06
CA LYS A 345 -3.61 -23.55 4.43
C LYS A 345 -2.40 -24.01 5.24
N LEU A 346 -1.83 -25.16 4.86
CA LEU A 346 -0.69 -25.76 5.56
C LEU A 346 -0.73 -27.25 5.25
N SER A 347 -1.92 -27.82 5.39
CA SER A 347 -2.15 -29.22 5.11
C SER A 347 -2.22 -29.38 3.60
N GLU A 348 -2.20 -28.24 2.92
CA GLU A 348 -2.25 -28.18 1.45
C GLU A 348 -0.84 -28.17 0.88
N ARG A 349 0.11 -27.79 1.73
CA ARG A 349 1.51 -27.72 1.36
C ARG A 349 2.03 -29.05 0.81
N VAL A 350 3.14 -28.99 0.09
CA VAL A 350 3.74 -30.17 -0.50
C VAL A 350 5.03 -30.56 0.20
N ASP A 351 5.12 -31.83 0.60
CA ASP A 351 6.30 -32.39 1.27
C ASP A 351 7.40 -32.50 0.24
N VAL A 352 8.43 -31.67 0.33
CA VAL A 352 9.49 -31.74 -0.66
C VAL A 352 10.89 -31.58 -0.10
N GLU A 353 11.77 -32.51 -0.48
CA GLU A 353 13.17 -32.51 -0.08
C GLU A 353 13.95 -31.77 -1.16
N ARG A 354 14.21 -30.49 -0.98
CA ARG A 354 14.92 -29.74 -1.99
C ARG A 354 16.43 -29.97 -1.96
N GLU A 355 17.06 -29.68 -3.09
CA GLU A 355 18.50 -29.81 -3.23
C GLU A 355 19.12 -28.45 -2.93
N THR A 356 20.41 -28.47 -2.66
CA THR A 356 21.10 -27.24 -2.37
C THR A 356 21.44 -26.62 -3.72
N LEU A 357 21.14 -25.33 -3.88
CA LEU A 357 21.47 -24.60 -5.10
C LEU A 357 22.89 -24.09 -4.94
N VAL A 358 23.12 -23.40 -3.84
CA VAL A 358 24.42 -22.85 -3.51
C VAL A 358 24.48 -22.77 -1.99
N GLU A 359 25.65 -22.47 -1.47
CA GLU A 359 25.83 -22.38 -0.03
C GLU A 359 26.72 -21.18 0.29
N TYR A 360 26.50 -20.55 1.44
CA TYR A 360 27.31 -19.40 1.82
C TYR A 360 27.89 -19.59 3.21
N PRO A 361 29.20 -19.38 3.34
CA PRO A 361 29.92 -19.52 4.61
C PRO A 361 29.66 -18.31 5.49
N ARG A 362 30.20 -18.35 6.70
CA ARG A 362 30.03 -17.21 7.60
C ARG A 362 30.59 -15.99 6.88
N LEU A 363 29.85 -14.89 6.88
CA LEU A 363 30.30 -13.67 6.22
C LEU A 363 30.41 -12.54 7.23
N VAL A 364 31.20 -11.53 6.92
CA VAL A 364 31.36 -10.37 7.78
C VAL A 364 31.66 -9.10 7.01
N LYS A 365 30.81 -8.10 7.15
CA LYS A 365 31.05 -6.82 6.50
C LYS A 365 31.24 -5.81 7.61
N ASP A 366 32.39 -5.14 7.59
CA ASP A 366 32.70 -4.15 8.60
C ASP A 366 32.98 -2.80 7.94
N TYR A 367 32.10 -1.84 8.18
CA TYR A 367 32.25 -0.51 7.61
C TYR A 367 33.11 0.36 8.51
N GLY A 368 33.51 -0.18 9.66
CA GLY A 368 34.31 0.58 10.59
C GLY A 368 33.38 1.14 11.64
N SER A 369 32.29 1.74 11.20
CA SER A 369 31.30 2.31 12.11
C SER A 369 30.13 1.37 12.32
N PHE A 370 30.07 0.30 11.52
CA PHE A 370 28.98 -0.66 11.65
C PHE A 370 29.39 -2.04 11.18
N LYS A 371 29.14 -3.05 12.01
CA LYS A 371 29.51 -4.43 11.69
C LYS A 371 28.34 -5.39 11.55
N LEU A 372 28.37 -6.20 10.50
CA LEU A 372 27.36 -7.22 10.24
C LEU A 372 28.06 -8.57 10.18
N GLU A 373 27.42 -9.59 10.75
CA GLU A 373 27.98 -10.92 10.71
C GLU A 373 26.89 -11.80 10.12
N VAL A 374 27.25 -12.69 9.21
CA VAL A 374 26.26 -13.59 8.63
C VAL A 374 26.54 -15.06 9.00
N GLU A 375 25.56 -15.69 9.65
CA GLU A 375 25.67 -17.09 10.04
C GLU A 375 25.68 -17.95 8.78
N PRO A 376 26.45 -19.04 8.79
CA PRO A 376 26.52 -19.94 7.64
C PRO A 376 25.13 -20.44 7.27
N GLY A 377 24.87 -20.60 5.97
CA GLY A 377 23.57 -21.06 5.54
C GLY A 377 23.51 -21.71 4.16
N GLU A 378 22.44 -22.48 3.95
CA GLU A 378 22.20 -23.17 2.70
C GLU A 378 21.04 -22.52 1.94
N ILE A 379 21.15 -22.45 0.61
CA ILE A 379 20.09 -21.93 -0.24
C ILE A 379 19.67 -23.13 -1.07
N ARG A 380 18.38 -23.44 -1.09
CA ARG A 380 17.87 -24.60 -1.84
C ARG A 380 17.22 -24.19 -3.16
N LYS A 381 17.31 -25.08 -4.14
CA LYS A 381 16.74 -24.78 -5.44
C LYS A 381 15.22 -24.84 -5.43
N GLY A 382 14.61 -23.75 -5.89
CA GLY A 382 13.16 -23.66 -5.97
C GLY A 382 12.44 -23.14 -4.75
N GLU A 383 13.16 -22.62 -3.77
CA GLU A 383 12.50 -22.08 -2.57
C GLU A 383 12.53 -20.56 -2.58
N VAL A 384 11.89 -19.97 -1.57
CA VAL A 384 11.86 -18.52 -1.44
C VAL A 384 12.09 -18.15 0.02
N ILE A 385 13.19 -17.47 0.28
CA ILE A 385 13.51 -17.06 1.63
C ILE A 385 13.25 -15.60 1.81
N GLY A 386 12.50 -15.28 2.86
CA GLY A 386 12.19 -13.91 3.16
C GLY A 386 13.12 -13.42 4.25
N ILE A 387 13.62 -12.21 4.10
CA ILE A 387 14.51 -11.62 5.09
C ILE A 387 13.75 -10.54 5.83
N VAL A 388 13.83 -10.57 7.15
CA VAL A 388 13.13 -9.57 7.94
C VAL A 388 13.99 -9.06 9.08
N GLY A 389 13.77 -7.79 9.43
CA GLY A 389 14.52 -7.19 10.52
C GLY A 389 14.42 -5.69 10.48
N PRO A 390 14.72 -5.00 11.59
CA PRO A 390 14.64 -3.53 11.62
C PRO A 390 15.67 -2.95 10.65
N ASN A 391 15.41 -1.74 10.14
CA ASN A 391 16.36 -1.12 9.21
C ASN A 391 17.62 -0.67 9.94
N GLY A 392 18.71 -0.56 9.19
CA GLY A 392 19.97 -0.17 9.78
C GLY A 392 20.58 -1.38 10.44
N ILE A 393 20.10 -2.56 10.05
CA ILE A 393 20.60 -3.81 10.61
C ILE A 393 21.50 -4.63 9.69
N GLY A 394 21.51 -4.32 8.41
CA GLY A 394 22.36 -5.04 7.48
C GLY A 394 21.68 -5.92 6.45
N LYS A 395 20.37 -5.74 6.26
CA LYS A 395 19.66 -6.55 5.29
C LYS A 395 20.17 -6.26 3.88
N THR A 396 20.20 -5.00 3.47
CA THR A 396 20.71 -4.64 2.13
C THR A 396 22.19 -5.01 1.95
N THR A 397 23.00 -4.73 2.98
CA THR A 397 24.43 -5.05 2.93
C THR A 397 24.54 -6.53 2.55
N PHE A 398 23.77 -7.35 3.25
CA PHE A 398 23.75 -8.79 3.03
C PHE A 398 23.48 -9.09 1.55
N VAL A 399 22.33 -8.60 1.07
CA VAL A 399 21.93 -8.82 -0.32
C VAL A 399 23.01 -8.44 -1.32
N LYS A 400 23.62 -7.27 -1.13
CA LYS A 400 24.65 -6.80 -2.04
C LYS A 400 25.87 -7.73 -2.07
N MET A 401 26.05 -8.54 -1.03
CA MET A 401 27.16 -9.47 -1.04
C MET A 401 26.82 -10.72 -1.88
N LEU A 402 25.56 -11.12 -1.87
CA LEU A 402 25.10 -12.25 -2.66
C LEU A 402 24.97 -11.82 -4.12
N ALA A 403 24.74 -10.52 -4.31
CA ALA A 403 24.61 -9.98 -5.65
C ALA A 403 26.02 -9.79 -6.19
N GLY A 404 26.97 -9.69 -5.26
CA GLY A 404 28.36 -9.52 -5.64
C GLY A 404 28.73 -8.06 -5.84
N VAL A 405 27.79 -7.16 -5.61
CA VAL A 405 28.06 -5.73 -5.78
C VAL A 405 28.73 -5.19 -4.52
N GLU A 406 29.01 -6.09 -3.59
CA GLU A 406 29.64 -5.71 -2.34
C GLU A 406 30.67 -6.75 -1.87
N GLU A 407 31.92 -6.32 -1.70
CA GLU A 407 32.98 -7.22 -1.24
C GLU A 407 32.92 -7.38 0.27
N PRO A 408 33.00 -8.62 0.74
CA PRO A 408 32.96 -8.96 2.17
C PRO A 408 34.25 -8.56 2.90
N THR A 409 34.17 -8.31 4.20
CA THR A 409 35.37 -7.98 4.96
C THR A 409 36.02 -9.33 5.23
N GLU A 410 35.17 -10.31 5.53
CA GLU A 410 35.59 -11.67 5.79
C GLU A 410 34.55 -12.60 5.21
N GLY A 411 34.99 -13.79 4.83
CA GLY A 411 34.11 -14.75 4.21
C GLY A 411 34.32 -14.59 2.72
N LYS A 412 33.52 -15.28 1.91
CA LYS A 412 33.66 -15.19 0.46
C LYS A 412 32.54 -15.92 -0.26
N VAL A 413 31.83 -15.19 -1.13
CA VAL A 413 30.73 -15.79 -1.89
C VAL A 413 31.11 -15.93 -3.37
N GLU A 414 31.81 -17.02 -3.70
CA GLU A 414 32.20 -17.24 -5.08
C GLU A 414 31.29 -18.30 -5.69
N TRP A 415 30.23 -17.86 -6.35
CA TRP A 415 29.30 -18.79 -6.99
C TRP A 415 29.33 -18.61 -8.49
N ASP A 416 28.94 -19.66 -9.20
CA ASP A 416 28.85 -19.63 -10.65
C ASP A 416 27.36 -19.66 -10.98
N LEU A 417 26.69 -18.55 -10.74
CA LEU A 417 25.26 -18.46 -11.00
C LEU A 417 24.94 -17.09 -11.58
N THR A 418 23.80 -17.00 -12.26
CA THR A 418 23.40 -15.71 -12.79
C THR A 418 22.44 -15.13 -11.74
N VAL A 419 22.49 -13.82 -11.55
CA VAL A 419 21.62 -13.19 -10.57
C VAL A 419 20.75 -12.08 -11.16
N ALA A 420 19.51 -12.01 -10.69
CA ALA A 420 18.57 -10.98 -11.12
C ALA A 420 18.40 -10.18 -9.82
N TYR A 421 18.78 -8.91 -9.88
CA TYR A 421 18.74 -8.07 -8.68
C TYR A 421 17.86 -6.81 -8.77
N LYS A 422 16.78 -6.79 -7.99
CA LYS A 422 15.90 -5.63 -7.96
C LYS A 422 16.31 -4.84 -6.70
N PRO A 423 17.14 -3.79 -6.89
CA PRO A 423 17.64 -2.93 -5.82
C PRO A 423 16.57 -2.23 -5.00
N GLN A 424 16.93 -1.90 -3.75
CA GLN A 424 16.03 -1.23 -2.81
C GLN A 424 15.79 0.23 -3.19
N TYR A 425 16.87 0.98 -3.35
CA TYR A 425 16.79 2.39 -3.73
C TYR A 425 17.10 2.50 -5.20
N ILE A 426 16.06 2.55 -6.03
CA ILE A 426 16.28 2.66 -7.45
C ILE A 426 16.03 4.09 -7.94
N LYS A 427 17.07 4.69 -8.50
CA LYS A 427 16.97 6.05 -9.02
C LYS A 427 17.04 5.94 -10.53
N ALA A 428 15.87 5.79 -11.15
CA ALA A 428 15.74 5.64 -12.59
C ALA A 428 16.55 6.65 -13.40
N GLU A 429 17.53 6.14 -14.15
CA GLU A 429 18.36 6.98 -15.00
C GLU A 429 18.61 6.19 -16.27
N TYR A 430 17.65 6.28 -17.18
CA TYR A 430 17.67 5.58 -18.46
C TYR A 430 16.75 6.36 -19.40
N GLU A 431 17.29 6.93 -20.47
CA GLU A 431 16.48 7.68 -21.42
C GLU A 431 15.69 6.77 -22.37
N GLY A 432 14.48 6.42 -21.98
CA GLY A 432 13.67 5.57 -22.83
C GLY A 432 12.30 5.30 -22.22
N THR A 433 11.48 4.51 -22.91
CA THR A 433 10.15 4.15 -22.44
C THR A 433 10.19 2.79 -21.76
N VAL A 434 9.16 2.49 -20.99
CA VAL A 434 9.08 1.21 -20.29
C VAL A 434 9.13 0.05 -21.27
N TYR A 435 8.32 0.13 -22.33
CA TYR A 435 8.28 -0.92 -23.34
C TYR A 435 9.65 -1.13 -23.96
N GLU A 436 10.37 -0.04 -24.17
CA GLU A 436 11.71 -0.11 -24.74
C GLU A 436 12.55 -0.98 -23.82
N LEU A 437 12.64 -0.57 -22.56
CA LEU A 437 13.43 -1.28 -21.57
C LEU A 437 13.10 -2.76 -21.43
N LEU A 438 11.81 -3.09 -21.32
CA LEU A 438 11.41 -4.47 -21.15
C LEU A 438 11.60 -5.31 -22.41
N SER A 439 11.16 -4.77 -23.55
CA SER A 439 11.27 -5.47 -24.82
C SER A 439 12.72 -5.87 -25.09
N LYS A 440 13.65 -5.04 -24.64
CA LYS A 440 15.06 -5.32 -24.84
C LYS A 440 15.58 -6.41 -23.91
N ILE A 441 14.74 -6.86 -22.97
CA ILE A 441 15.15 -7.92 -22.06
C ILE A 441 14.65 -9.23 -22.65
N ASP A 442 13.36 -9.30 -22.99
CA ASP A 442 12.81 -10.51 -23.55
C ASP A 442 11.47 -10.25 -24.27
N SER A 443 11.58 -9.76 -25.50
CA SER A 443 10.39 -9.43 -26.30
C SER A 443 9.36 -10.56 -26.37
N SER A 444 9.82 -11.80 -26.45
CA SER A 444 8.87 -12.92 -26.53
C SER A 444 7.95 -12.98 -25.30
N LYS A 445 8.54 -12.95 -24.10
CA LYS A 445 7.75 -12.99 -22.87
C LYS A 445 6.68 -11.90 -22.82
N LEU A 446 7.00 -10.71 -23.34
CA LEU A 446 6.04 -9.62 -23.36
C LEU A 446 4.79 -10.03 -24.13
N ASN A 447 4.96 -10.99 -25.04
CA ASN A 447 3.85 -11.51 -25.85
C ASN A 447 3.24 -12.78 -25.27
N SER A 448 3.85 -13.32 -24.22
CA SER A 448 3.38 -14.54 -23.57
C SER A 448 2.05 -14.31 -22.88
N ASN A 449 1.11 -15.22 -23.08
CA ASN A 449 -0.18 -15.09 -22.44
C ASN A 449 0.02 -15.30 -20.94
N PHE A 450 1.10 -16.00 -20.59
CA PHE A 450 1.43 -16.29 -19.19
C PHE A 450 2.05 -15.09 -18.47
N TYR A 451 2.99 -14.42 -19.13
CA TYR A 451 3.64 -13.26 -18.55
C TYR A 451 2.74 -12.04 -18.48
N LYS A 452 1.80 -11.93 -19.41
CA LYS A 452 0.85 -10.81 -19.45
C LYS A 452 -0.19 -11.02 -18.36
N THR A 453 -0.50 -12.28 -18.11
CA THR A 453 -1.49 -12.68 -17.11
C THR A 453 -0.97 -12.67 -15.68
N GLU A 454 0.31 -13.00 -15.51
CA GLU A 454 0.86 -13.09 -14.16
C GLU A 454 1.75 -11.92 -13.73
N LEU A 455 2.28 -11.19 -14.69
CA LEU A 455 3.20 -10.10 -14.38
C LEU A 455 2.75 -8.76 -14.94
N LEU A 456 2.85 -8.64 -16.26
CA LEU A 456 2.51 -7.43 -16.99
C LEU A 456 1.17 -6.76 -16.67
N LYS A 457 0.07 -7.48 -16.81
CA LYS A 457 -1.22 -6.87 -16.51
C LYS A 457 -1.46 -6.63 -15.01
N PRO A 458 -1.20 -7.63 -14.15
CA PRO A 458 -1.41 -7.43 -12.71
C PRO A 458 -0.72 -6.20 -12.13
N LEU A 459 0.48 -5.90 -12.58
CA LEU A 459 1.21 -4.75 -12.06
C LEU A 459 0.92 -3.46 -12.81
N GLY A 460 0.26 -3.58 -13.95
CA GLY A 460 -0.06 -2.39 -14.72
C GLY A 460 1.12 -1.82 -15.47
N ILE A 461 1.87 -2.68 -16.16
CA ILE A 461 3.02 -2.20 -16.92
C ILE A 461 2.58 -1.95 -18.36
N ILE A 462 1.35 -2.31 -18.69
CA ILE A 462 0.89 -2.06 -20.06
C ILE A 462 0.51 -0.59 -20.14
N ASP A 463 -0.22 -0.12 -19.13
CA ASP A 463 -0.67 1.26 -19.07
C ASP A 463 0.53 2.15 -18.83
N LEU A 464 1.73 1.57 -18.81
CA LEU A 464 2.94 2.34 -18.59
C LEU A 464 3.94 2.24 -19.74
N TYR A 465 3.71 1.32 -20.67
CA TYR A 465 4.61 1.15 -21.81
C TYR A 465 5.09 2.47 -22.48
N ASP A 466 4.16 3.37 -22.76
CA ASP A 466 4.44 4.65 -23.42
C ASP A 466 5.24 5.68 -22.61
N ARG A 467 5.11 5.65 -21.30
CA ARG A 467 5.81 6.58 -20.40
C ARG A 467 7.33 6.44 -20.42
N ASN A 468 8.05 7.53 -20.10
CA ASN A 468 9.49 7.47 -20.06
C ASN A 468 9.92 6.97 -18.66
N VAL A 469 10.97 6.17 -18.60
CA VAL A 469 11.44 5.67 -17.33
C VAL A 469 11.75 6.83 -16.39
N GLU A 470 12.46 7.85 -16.87
CA GLU A 470 12.76 9.00 -16.03
C GLU A 470 11.50 9.77 -15.57
N ASP A 471 10.41 9.67 -16.32
CA ASP A 471 9.19 10.39 -15.93
C ASP A 471 8.23 9.57 -15.06
N LEU A 472 8.73 8.48 -14.45
CA LEU A 472 7.89 7.60 -13.64
C LEU A 472 7.89 8.00 -12.16
N SER A 473 6.83 7.66 -11.43
CA SER A 473 6.77 8.01 -10.02
C SER A 473 7.34 6.86 -9.18
N GLY A 474 7.62 7.14 -7.91
CA GLY A 474 8.15 6.14 -7.01
C GLY A 474 7.46 4.80 -7.09
N GLY A 475 6.13 4.80 -7.01
CA GLY A 475 5.37 3.56 -7.08
C GLY A 475 5.40 2.87 -8.44
N GLU A 476 5.39 3.66 -9.50
CA GLU A 476 5.42 3.08 -10.85
C GLU A 476 6.80 2.46 -11.05
N LEU A 477 7.84 3.26 -10.86
CA LEU A 477 9.22 2.82 -11.00
C LEU A 477 9.46 1.50 -10.25
N GLN A 478 8.84 1.38 -9.09
CA GLN A 478 8.95 0.17 -8.28
C GLN A 478 8.42 -1.01 -9.07
N ARG A 479 7.21 -0.83 -9.61
CA ARG A 479 6.56 -1.86 -10.40
C ARG A 479 7.30 -2.26 -11.67
N VAL A 480 7.90 -1.28 -12.34
CA VAL A 480 8.63 -1.56 -13.57
C VAL A 480 9.94 -2.28 -13.25
N ALA A 481 10.58 -1.89 -12.16
CA ALA A 481 11.82 -2.52 -11.75
C ALA A 481 11.50 -3.98 -11.45
N ILE A 482 10.52 -4.19 -10.56
CA ILE A 482 10.10 -5.53 -10.18
C ILE A 482 9.82 -6.36 -11.41
N ALA A 483 9.04 -5.80 -12.34
CA ALA A 483 8.72 -6.49 -13.60
C ALA A 483 9.97 -6.74 -14.45
N ALA A 484 10.89 -5.77 -14.45
CA ALA A 484 12.13 -5.91 -15.21
C ALA A 484 12.91 -7.11 -14.66
N THR A 485 13.12 -7.09 -13.35
CA THR A 485 13.84 -8.15 -12.66
C THR A 485 13.24 -9.53 -12.97
N LEU A 486 11.94 -9.65 -12.81
CA LEU A 486 11.24 -10.92 -13.03
C LEU A 486 11.11 -11.40 -14.48
N LEU A 487 11.47 -10.56 -15.44
CA LEU A 487 11.38 -10.96 -16.85
C LEU A 487 12.72 -11.53 -17.30
N ARG A 488 13.67 -11.60 -16.38
CA ARG A 488 14.99 -12.13 -16.69
C ARG A 488 15.13 -13.59 -16.32
N ASP A 489 16.08 -14.25 -16.96
CA ASP A 489 16.32 -15.66 -16.67
C ASP A 489 17.60 -15.76 -15.85
N ALA A 490 17.46 -16.00 -14.57
CA ALA A 490 18.62 -16.12 -13.69
C ALA A 490 18.45 -17.38 -12.84
N ASP A 491 19.49 -17.70 -12.06
CA ASP A 491 19.46 -18.87 -11.21
C ASP A 491 18.80 -18.50 -9.88
N ILE A 492 19.01 -17.25 -9.50
CA ILE A 492 18.51 -16.74 -8.23
C ILE A 492 18.05 -15.28 -8.43
N TYR A 493 16.95 -14.91 -7.80
CA TYR A 493 16.41 -13.55 -7.90
C TYR A 493 16.44 -12.81 -6.56
N LEU A 494 16.94 -11.59 -6.57
CA LEU A 494 17.03 -10.80 -5.35
C LEU A 494 16.21 -9.51 -5.43
N LEU A 495 15.18 -9.43 -4.58
CA LEU A 495 14.31 -8.27 -4.53
C LEU A 495 14.40 -7.62 -3.15
N ASP A 496 14.97 -6.42 -3.13
CA ASP A 496 15.13 -5.69 -1.89
C ASP A 496 13.99 -4.70 -1.64
N GLU A 497 13.04 -5.10 -0.79
CA GLU A 497 11.89 -4.29 -0.40
C GLU A 497 11.00 -3.83 -1.55
N PRO A 498 10.17 -4.75 -2.08
CA PRO A 498 9.25 -4.49 -3.20
C PRO A 498 8.03 -3.62 -2.83
N SER A 499 7.49 -3.83 -1.64
CA SER A 499 6.31 -3.12 -1.17
C SER A 499 6.40 -1.60 -1.04
N ALA A 500 7.61 -1.03 -1.04
CA ALA A 500 7.76 0.42 -0.90
C ALA A 500 7.08 1.19 -2.03
N TYR A 501 6.20 2.12 -1.66
CA TYR A 501 5.44 3.00 -2.57
C TYR A 501 4.24 2.33 -3.25
N LEU A 502 3.96 1.09 -2.86
CA LEU A 502 2.86 0.33 -3.43
C LEU A 502 1.59 0.31 -2.56
N ASP A 503 0.42 0.53 -3.16
CA ASP A 503 -0.84 0.50 -2.39
C ASP A 503 -1.13 -0.96 -2.04
N VAL A 504 -2.16 -1.19 -1.25
CA VAL A 504 -2.53 -2.55 -0.84
C VAL A 504 -2.70 -3.53 -2.02
N GLU A 505 -3.45 -3.12 -3.04
CA GLU A 505 -3.69 -3.97 -4.20
C GLU A 505 -2.43 -4.35 -5.00
N GLN A 506 -1.49 -3.41 -5.12
CA GLN A 506 -0.24 -3.63 -5.85
C GLN A 506 0.68 -4.62 -5.14
N ARG A 507 0.64 -4.60 -3.80
CA ARG A 507 1.48 -5.50 -3.00
C ARG A 507 1.01 -6.92 -3.24
N LEU A 508 -0.31 -7.09 -3.26
CA LEU A 508 -0.90 -8.39 -3.50
C LEU A 508 -0.55 -8.92 -4.90
N ALA A 509 -0.69 -8.08 -5.92
CA ALA A 509 -0.39 -8.52 -7.27
C ALA A 509 1.07 -8.96 -7.39
N VAL A 510 1.95 -8.25 -6.69
CA VAL A 510 3.38 -8.58 -6.71
C VAL A 510 3.70 -9.85 -5.95
N SER A 511 2.90 -10.14 -4.92
CA SER A 511 3.12 -11.34 -4.11
C SER A 511 2.76 -12.55 -4.92
N ARG A 512 1.60 -12.47 -5.56
CA ARG A 512 1.08 -13.53 -6.41
C ARG A 512 2.02 -13.72 -7.62
N ALA A 513 2.57 -12.62 -8.11
CA ALA A 513 3.48 -12.65 -9.26
C ALA A 513 4.79 -13.37 -8.91
N ILE A 514 5.48 -12.86 -7.90
CA ILE A 514 6.74 -13.41 -7.43
C ILE A 514 6.61 -14.90 -7.14
N ARG A 515 5.48 -15.26 -6.54
CA ARG A 515 5.23 -16.64 -6.17
C ARG A 515 4.97 -17.49 -7.41
N HIS A 516 4.10 -17.00 -8.27
CA HIS A 516 3.77 -17.72 -9.49
C HIS A 516 4.93 -17.90 -10.45
N LEU A 517 5.63 -16.81 -10.79
CA LEU A 517 6.75 -16.90 -11.70
C LEU A 517 7.89 -17.80 -11.20
N MET A 518 8.23 -17.70 -9.91
CA MET A 518 9.28 -18.53 -9.33
C MET A 518 8.84 -19.99 -9.39
N GLU A 519 7.58 -20.19 -9.06
CA GLU A 519 6.95 -21.49 -9.03
C GLU A 519 6.92 -22.13 -10.42
N LYS A 520 6.49 -21.36 -11.41
CA LYS A 520 6.41 -21.87 -12.76
C LYS A 520 7.76 -22.29 -13.33
N ASN A 521 8.69 -21.35 -13.43
CA ASN A 521 10.00 -21.69 -13.98
C ASN A 521 10.97 -22.35 -12.99
N GLU A 522 10.44 -22.80 -11.85
CA GLU A 522 11.23 -23.49 -10.84
C GLU A 522 12.55 -22.78 -10.45
N LYS A 523 12.47 -21.55 -9.99
CA LYS A 523 13.68 -20.83 -9.60
C LYS A 523 13.70 -20.43 -8.12
N THR A 524 14.87 -20.02 -7.66
CA THR A 524 15.05 -19.62 -6.29
C THR A 524 15.07 -18.10 -6.13
N ALA A 525 14.57 -17.61 -4.99
CA ALA A 525 14.56 -16.18 -4.74
C ALA A 525 14.70 -15.79 -3.27
N LEU A 526 15.22 -14.60 -3.04
CA LEU A 526 15.37 -14.06 -1.69
C LEU A 526 14.67 -12.69 -1.67
N VAL A 527 13.75 -12.49 -0.74
CA VAL A 527 12.98 -11.25 -0.66
C VAL A 527 13.02 -10.54 0.69
N VAL A 528 13.54 -9.30 0.72
CA VAL A 528 13.55 -8.52 1.96
C VAL A 528 12.20 -7.80 2.04
N GLU A 529 11.52 -7.89 3.17
CA GLU A 529 10.23 -7.23 3.31
C GLU A 529 9.84 -6.79 4.71
N HIS A 530 9.02 -5.74 4.79
CA HIS A 530 8.55 -5.19 6.08
C HIS A 530 7.05 -5.41 6.21
N ASP A 531 6.46 -5.95 5.15
CA ASP A 531 5.02 -6.22 5.09
C ASP A 531 4.81 -7.71 5.42
N VAL A 532 4.24 -7.96 6.59
CA VAL A 532 4.00 -9.30 7.09
C VAL A 532 3.24 -10.25 6.19
N LEU A 533 2.19 -9.78 5.50
CA LEU A 533 1.43 -10.66 4.65
C LEU A 533 2.18 -11.06 3.37
N MET A 534 3.02 -10.17 2.87
CA MET A 534 3.77 -10.49 1.66
C MET A 534 4.78 -11.56 2.05
N ILE A 535 5.47 -11.35 3.15
CA ILE A 535 6.46 -12.29 3.61
C ILE A 535 5.83 -13.66 3.80
N ASP A 536 4.67 -13.68 4.44
CA ASP A 536 4.01 -14.95 4.69
C ASP A 536 3.54 -15.62 3.41
N TYR A 537 3.11 -14.81 2.46
CA TYR A 537 2.62 -15.32 1.19
C TYR A 537 3.72 -15.94 0.31
N VAL A 538 4.78 -15.18 0.07
CA VAL A 538 5.87 -15.64 -0.80
C VAL A 538 6.92 -16.55 -0.18
N SER A 539 7.03 -16.55 1.14
CA SER A 539 8.08 -17.33 1.80
C SER A 539 7.92 -18.84 1.99
N ASP A 540 9.05 -19.52 1.94
CA ASP A 540 9.14 -20.96 2.15
C ASP A 540 9.93 -21.07 3.44
N ARG A 541 10.91 -20.18 3.58
CA ARG A 541 11.74 -20.14 4.78
C ARG A 541 12.04 -18.71 5.13
N LEU A 542 12.71 -18.51 6.25
CA LEU A 542 12.99 -17.17 6.72
C LEU A 542 14.38 -16.94 7.30
N ILE A 543 14.86 -15.69 7.18
CA ILE A 543 16.15 -15.29 7.73
C ILE A 543 15.91 -14.00 8.53
N VAL A 544 16.11 -14.09 9.85
CA VAL A 544 15.88 -12.98 10.77
C VAL A 544 17.16 -12.25 11.20
N PHE A 545 17.07 -10.93 11.31
CA PHE A 545 18.21 -10.10 11.74
C PHE A 545 17.93 -9.48 13.10
N GLU A 546 18.97 -9.39 13.94
CA GLU A 546 18.84 -8.79 15.26
C GLU A 546 20.06 -7.89 15.48
N GLY A 547 20.16 -7.27 16.66
CA GLY A 547 21.30 -6.42 16.96
C GLY A 547 20.93 -5.00 17.35
N GLU A 548 21.82 -4.06 17.05
CA GLU A 548 21.57 -2.65 17.35
C GLU A 548 21.60 -1.86 16.06
N PRO A 549 20.42 -1.47 15.55
CA PRO A 549 20.34 -0.70 14.30
C PRO A 549 21.40 0.40 14.25
N GLY A 550 22.09 0.51 13.13
CA GLY A 550 23.13 1.52 13.00
C GLY A 550 24.47 1.18 13.67
N ARG A 551 24.50 0.11 14.46
CA ARG A 551 25.73 -0.31 15.15
C ARG A 551 26.22 -1.69 14.71
N HIS A 552 25.46 -2.72 15.11
CA HIS A 552 25.79 -4.10 14.73
C HIS A 552 24.55 -4.93 14.42
N GLY A 553 24.70 -5.89 13.50
CA GLY A 553 23.59 -6.74 13.17
C GLY A 553 24.06 -8.16 12.93
N ARG A 554 23.22 -9.14 13.25
CA ARG A 554 23.54 -10.55 13.04
C ARG A 554 22.38 -11.29 12.37
N ALA A 555 22.59 -11.74 11.13
CA ALA A 555 21.58 -12.48 10.40
C ALA A 555 21.66 -13.95 10.80
N LEU A 556 20.57 -14.45 11.39
CA LEU A 556 20.51 -15.84 11.81
C LEU A 556 20.53 -16.75 10.58
N PRO A 557 20.57 -18.08 10.78
CA PRO A 557 20.58 -18.98 9.63
C PRO A 557 19.14 -19.23 9.15
N PRO A 558 18.97 -19.67 7.89
CA PRO A 558 17.65 -19.94 7.31
C PRO A 558 16.88 -20.90 8.21
N MET A 559 15.67 -20.54 8.61
CA MET A 559 14.89 -21.42 9.46
C MET A 559 13.45 -21.53 9.01
N GLY A 560 12.73 -22.51 9.56
CA GLY A 560 11.33 -22.69 9.20
C GLY A 560 10.52 -21.45 9.53
N MET A 561 9.42 -21.27 8.81
CA MET A 561 8.56 -20.11 8.98
C MET A 561 8.14 -19.89 10.43
N ARG A 562 7.70 -20.97 11.07
CA ARG A 562 7.25 -20.94 12.46
C ARG A 562 8.39 -20.56 13.43
N GLU A 563 9.51 -21.27 13.31
CA GLU A 563 10.67 -20.99 14.16
C GLU A 563 11.15 -19.57 13.90
N GLY A 564 11.01 -19.13 12.66
CA GLY A 564 11.42 -17.79 12.28
C GLY A 564 10.52 -16.69 12.83
N MET A 565 9.24 -16.71 12.45
CA MET A 565 8.31 -15.70 12.91
C MET A 565 8.26 -15.65 14.44
N ASN A 566 8.56 -16.79 15.05
CA ASN A 566 8.59 -16.89 16.51
C ASN A 566 9.75 -16.05 17.03
N ARG A 567 10.91 -16.19 16.40
CA ARG A 567 12.10 -15.45 16.79
C ARG A 567 12.00 -13.94 16.57
N PHE A 568 11.40 -13.53 15.46
CA PHE A 568 11.26 -12.11 15.18
C PHE A 568 10.16 -11.44 15.99
N LEU A 569 8.98 -12.06 16.00
CA LEU A 569 7.83 -11.50 16.70
C LEU A 569 7.99 -11.25 18.19
N ALA A 570 8.78 -12.08 18.87
CA ALA A 570 9.00 -11.92 20.30
C ALA A 570 9.77 -10.64 20.60
N SER A 571 10.36 -10.08 19.55
CA SER A 571 11.15 -8.86 19.63
C SER A 571 10.27 -7.63 19.48
N VAL A 572 8.99 -7.88 19.26
CA VAL A 572 8.01 -6.84 19.07
C VAL A 572 6.85 -7.01 20.05
N GLY A 573 6.56 -8.26 20.41
CA GLY A 573 5.50 -8.57 21.35
C GLY A 573 4.10 -8.60 20.74
N ILE A 574 3.98 -9.25 19.58
CA ILE A 574 2.69 -9.37 18.89
C ILE A 574 2.44 -10.83 18.51
N THR A 575 1.21 -11.31 18.64
CA THR A 575 0.96 -12.70 18.27
C THR A 575 0.02 -12.88 17.07
N PHE A 576 0.19 -14.02 16.39
CA PHE A 576 -0.62 -14.33 15.22
C PHE A 576 -1.19 -15.75 15.21
N ARG A 577 -2.45 -15.83 14.82
CA ARG A 577 -3.19 -17.07 14.74
C ARG A 577 -3.36 -17.37 13.25
N ARG A 578 -4.30 -18.22 12.91
CA ARG A 578 -4.55 -18.58 11.51
C ARG A 578 -6.04 -18.54 11.17
N ASP A 579 -6.43 -17.61 10.31
CA ASP A 579 -7.84 -17.52 9.94
C ASP A 579 -8.23 -18.85 9.34
N PRO A 580 -9.09 -19.59 10.05
CA PRO A 580 -9.58 -20.90 9.63
C PRO A 580 -10.03 -20.97 8.18
N ASP A 581 -10.60 -19.87 7.69
CA ASP A 581 -11.10 -19.84 6.33
C ASP A 581 -10.10 -19.33 5.30
N SER A 582 -9.62 -18.10 5.51
CA SER A 582 -8.68 -17.49 4.57
C SER A 582 -7.27 -18.09 4.58
N GLY A 583 -6.83 -18.60 5.73
CA GLY A 583 -5.50 -19.16 5.83
C GLY A 583 -4.47 -18.06 6.02
N ARG A 584 -4.94 -16.82 6.14
CA ARG A 584 -4.04 -15.68 6.32
C ARG A 584 -3.61 -15.55 7.79
N PRO A 585 -2.47 -14.87 8.01
CA PRO A 585 -2.08 -14.73 9.41
C PRO A 585 -3.03 -13.71 10.06
N ARG A 586 -3.69 -14.14 11.13
CA ARG A 586 -4.64 -13.31 11.87
C ARG A 586 -4.00 -12.76 13.16
N ALA A 587 -4.01 -11.44 13.31
CA ALA A 587 -3.39 -10.78 14.48
C ALA A 587 -4.25 -10.73 15.74
N ASN A 588 -3.59 -10.84 16.89
CA ASN A 588 -4.26 -10.80 18.18
C ASN A 588 -4.09 -9.42 18.82
N LYS A 589 -5.19 -8.83 19.27
CA LYS A 589 -5.13 -7.50 19.91
C LYS A 589 -4.46 -7.60 21.27
N GLU A 590 -3.67 -6.58 21.61
CA GLU A 590 -2.96 -6.52 22.89
C GLU A 590 -3.89 -6.90 24.05
N GLY A 591 -3.42 -7.84 24.86
CA GLY A 591 -4.20 -8.26 26.01
C GLY A 591 -5.51 -8.99 25.74
N SER A 592 -5.52 -9.86 24.74
CA SER A 592 -6.72 -10.63 24.45
C SER A 592 -6.49 -12.00 25.10
N VAL A 593 -7.55 -12.79 25.26
CA VAL A 593 -7.39 -14.10 25.86
C VAL A 593 -6.34 -14.88 25.05
N LYS A 594 -6.50 -14.89 23.73
CA LYS A 594 -5.56 -15.60 22.86
C LYS A 594 -4.15 -15.00 22.92
N ASP A 595 -4.06 -13.69 22.88
CA ASP A 595 -2.76 -13.03 22.93
C ASP A 595 -2.03 -13.51 24.18
N ARG A 596 -2.76 -13.70 25.27
CA ARG A 596 -2.19 -14.17 26.55
C ARG A 596 -1.74 -15.63 26.53
N GLU A 597 -2.64 -16.51 26.10
CA GLU A 597 -2.33 -17.92 26.04
C GLU A 597 -1.13 -18.16 25.15
N GLN A 598 -1.20 -17.62 23.94
CA GLN A 598 -0.12 -17.76 22.96
C GLN A 598 1.22 -17.30 23.48
N LYS A 599 1.26 -16.17 24.17
CA LYS A 599 2.51 -15.66 24.71
C LYS A 599 3.02 -16.52 25.87
N ALA A 600 2.08 -17.00 26.69
CA ALA A 600 2.42 -17.83 27.85
C ALA A 600 3.17 -19.09 27.42
N ARG A 601 2.96 -19.49 26.18
CA ARG A 601 3.60 -20.67 25.62
C ARG A 601 4.67 -20.26 24.63
N GLY A 602 4.94 -18.96 24.56
CA GLY A 602 5.93 -18.45 23.64
C GLY A 602 5.62 -18.76 22.19
N GLU A 603 4.33 -18.87 21.86
CA GLU A 603 3.90 -19.15 20.50
C GLU A 603 3.28 -17.90 19.87
N TYR A 604 4.13 -17.16 19.17
CA TYR A 604 3.74 -15.91 18.53
C TYR A 604 3.18 -16.10 17.13
N TYR A 605 3.45 -17.26 16.54
CA TYR A 605 3.01 -17.53 15.19
C TYR A 605 2.56 -18.99 15.03
N TYR A 606 1.40 -19.18 14.38
CA TYR A 606 0.86 -20.52 14.13
C TYR A 606 0.96 -20.86 12.65
N ALA A 607 1.28 -22.11 12.36
CA ALA A 607 1.41 -22.57 10.98
C ALA A 607 2.59 -21.89 10.31
#